data_4GNF
#
_entry.id   4GNF
#
_cell.length_a   60.030
_cell.length_b   62.710
_cell.length_c   62.840
_cell.angle_alpha   90.000
_cell.angle_beta   90.000
_cell.angle_gamma   90.000
#
_symmetry.space_group_name_H-M   'I 2 2 2'
#
loop_
_entity.id
_entity.type
_entity.pdbx_description
1 polymer 'Histone-lysine N-methyltransferase NSD3'
2 polymer 'Histone H3.3'
3 non-polymer 'ZINC ION'
4 water water
#
loop_
_entity_poly.entity_id
_entity_poly.type
_entity_poly.pdbx_seq_one_letter_code
_entity_poly.pdbx_strand_id
1 'polypeptide(L)'
;SNARKIKTEPKQMHEDYCFQCGDGGELVMCDKKDCPKAYHLLCLNLTQPPYGKWECPWHQCDECSSAAVSFCEFCPHSFC
KDHEKGALVPSALEGRLCCSEHDPMAP
;
A
2 'polypeptide(L)' ARTKQTARKSTGGKA C
#
loop_
_chem_comp.id
_chem_comp.type
_chem_comp.name
_chem_comp.formula
ZN non-polymer 'ZINC ION' 'Zn 2'
#
# COMPACT_ATOMS: atom_id res chain seq x y z
N GLN A 12 -2.05 -17.61 0.52
CA GLN A 12 -1.81 -16.19 0.13
C GLN A 12 -0.70 -15.58 0.98
N MET A 13 0.26 -14.93 0.33
CA MET A 13 1.39 -14.28 1.06
C MET A 13 1.06 -12.85 1.41
N HIS A 14 1.37 -12.44 2.66
CA HIS A 14 1.32 -11.05 3.03
C HIS A 14 2.51 -10.64 3.81
N GLU A 15 2.91 -9.38 3.64
CA GLU A 15 3.94 -8.72 4.44
C GLU A 15 3.58 -8.72 5.92
N ASP A 16 4.63 -8.62 6.75
CA ASP A 16 4.47 -8.61 8.20
C ASP A 16 4.64 -7.21 8.82
N TYR A 17 4.55 -6.19 7.97
CA TYR A 17 4.69 -4.81 8.36
C TYR A 17 3.63 -4.02 7.64
N CYS A 18 3.19 -2.92 8.23
CA CYS A 18 2.18 -2.05 7.63
C CYS A 18 2.76 -1.29 6.45
N PHE A 19 2.06 -1.34 5.33
CA PHE A 19 2.51 -0.64 4.11
C PHE A 19 2.47 0.88 4.26
N GLN A 20 1.68 1.38 5.20
CA GLN A 20 1.55 2.84 5.37
C GLN A 20 2.67 3.42 6.21
N CYS A 21 2.96 2.78 7.35
CA CYS A 21 3.93 3.34 8.30
C CYS A 21 5.21 2.52 8.49
N GLY A 22 5.21 1.29 8.00
CA GLY A 22 6.41 0.43 8.03
C GLY A 22 6.61 -0.45 9.26
N ASP A 23 5.75 -0.33 10.27
N ASP A 23 5.73 -0.31 10.26
CA ASP A 23 5.94 -1.08 11.50
CA ASP A 23 5.89 -1.05 11.51
C ASP A 23 5.00 -2.28 11.60
C ASP A 23 5.00 -2.29 11.59
N GLY A 24 5.39 -3.24 12.43
CA GLY A 24 4.58 -4.42 12.69
C GLY A 24 3.51 -4.11 13.71
N GLY A 25 2.80 -5.15 14.16
CA GLY A 25 1.71 -4.95 15.10
C GLY A 25 0.47 -5.67 14.62
N GLU A 26 -0.70 -5.13 14.95
CA GLU A 26 -1.97 -5.73 14.53
C GLU A 26 -2.24 -5.26 13.12
N LEU A 27 -2.24 -6.19 12.16
CA LEU A 27 -2.34 -5.83 10.75
C LEU A 27 -3.53 -6.51 10.11
N VAL A 28 -4.26 -5.76 9.29
CA VAL A 28 -5.31 -6.32 8.47
C VAL A 28 -4.76 -6.53 7.06
N MET A 29 -5.14 -7.65 6.48
CA MET A 29 -4.56 -8.10 5.24
C MET A 29 -5.49 -7.92 4.04
N CYS A 30 -4.92 -7.52 2.92
CA CYS A 30 -5.69 -7.29 1.69
C CYS A 30 -6.19 -8.60 1.08
N ASP A 31 -7.45 -8.62 0.65
CA ASP A 31 -8.03 -9.80 0.00
C ASP A 31 -7.93 -9.83 -1.54
N LYS A 32 -7.46 -8.74 -2.14
CA LYS A 32 -7.27 -8.69 -3.60
C LYS A 32 -6.26 -9.78 -4.01
N LYS A 33 -6.56 -10.52 -5.07
CA LYS A 33 -5.72 -11.66 -5.49
C LYS A 33 -4.29 -11.22 -5.64
N ASP A 34 -3.38 -11.92 -4.94
CA ASP A 34 -1.94 -11.68 -5.00
C ASP A 34 -1.43 -10.38 -4.38
N CYS A 35 -2.31 -9.62 -3.72
CA CYS A 35 -1.83 -8.42 -3.04
C CYS A 35 -1.25 -8.79 -1.67
N PRO A 36 0.02 -8.41 -1.43
CA PRO A 36 0.64 -8.84 -0.17
C PRO A 36 0.55 -7.79 0.92
N LYS A 37 -0.20 -6.73 0.66
CA LYS A 37 -0.15 -5.59 1.60
C LYS A 37 -1.00 -5.80 2.86
N ALA A 38 -0.50 -5.26 3.96
CA ALA A 38 -1.15 -5.38 5.27
C ALA A 38 -1.03 -4.03 5.99
N TYR A 39 -1.97 -3.70 6.86
CA TYR A 39 -2.09 -2.33 7.40
C TYR A 39 -2.57 -2.32 8.86
N HIS A 40 -2.04 -1.39 9.65
CA HIS A 40 -2.71 -1.04 10.93
C HIS A 40 -4.04 -0.44 10.65
N LEU A 41 -5.03 -0.73 11.49
CA LEU A 41 -6.32 -0.09 11.35
C LEU A 41 -6.22 1.43 11.44
N LEU A 42 -5.47 1.90 12.44
CA LEU A 42 -5.17 3.33 12.63
C LEU A 42 -4.66 3.97 11.33
N CYS A 43 -3.84 3.24 10.59
CA CYS A 43 -3.20 3.79 9.40
C CYS A 43 -4.11 3.87 8.19
N LEU A 44 -5.27 3.25 8.31
CA LEU A 44 -6.33 3.28 7.30
C LEU A 44 -7.38 4.28 7.72
N ASN A 45 -7.19 4.87 8.90
CA ASN A 45 -8.18 5.73 9.54
C ASN A 45 -9.46 4.95 9.82
N LEU A 46 -9.26 3.73 10.33
CA LEU A 46 -10.32 2.83 10.73
C LEU A 46 -10.17 2.49 12.20
N THR A 47 -11.28 2.13 12.84
CA THR A 47 -11.31 1.82 14.27
C THR A 47 -11.60 0.34 14.55
N GLN A 48 -11.89 -0.40 13.48
CA GLN A 48 -12.16 -1.85 13.56
C GLN A 48 -11.89 -2.48 12.18
N PRO A 49 -11.59 -3.80 12.14
CA PRO A 49 -11.34 -4.37 10.82
C PRO A 49 -12.57 -4.30 9.91
N PRO A 50 -12.34 -4.10 8.59
CA PRO A 50 -13.43 -4.19 7.62
C PRO A 50 -14.04 -5.61 7.68
N TYR A 51 -15.35 -5.71 7.49
CA TYR A 51 -16.03 -7.00 7.52
C TYR A 51 -16.03 -7.65 6.15
N GLY A 52 -15.75 -8.96 6.12
CA GLY A 52 -15.72 -9.70 4.87
C GLY A 52 -14.59 -9.32 3.93
N LYS A 53 -14.77 -9.63 2.65
CA LYS A 53 -13.72 -9.45 1.64
C LYS A 53 -13.43 -7.97 1.47
N TRP A 54 -12.15 -7.63 1.50
CA TRP A 54 -11.68 -6.25 1.57
C TRP A 54 -10.48 -6.02 0.69
N GLU A 55 -10.58 -5.03 -0.18
CA GLU A 55 -9.47 -4.56 -1.02
C GLU A 55 -8.86 -3.29 -0.43
N CYS A 56 -7.54 -3.31 -0.31
CA CYS A 56 -6.80 -2.25 0.36
C CYS A 56 -6.72 -0.98 -0.51
N PRO A 57 -6.23 0.13 0.07
CA PRO A 57 -6.22 1.42 -0.66
C PRO A 57 -5.28 1.45 -1.88
N TRP A 58 -4.35 0.48 -1.98
CA TRP A 58 -3.46 0.45 -3.14
C TRP A 58 -4.22 0.30 -4.46
N HIS A 59 -5.44 -0.21 -4.41
CA HIS A 59 -6.19 -0.48 -5.65
C HIS A 59 -7.08 0.67 -6.06
N GLN A 60 -7.07 1.77 -5.32
CA GLN A 60 -7.85 2.95 -5.74
C GLN A 60 -6.98 4.15 -6.10
N CYS A 61 -7.27 4.77 -7.24
CA CYS A 61 -6.53 5.96 -7.68
C CYS A 61 -6.53 7.02 -6.60
N ASP A 62 -5.39 7.67 -6.46
CA ASP A 62 -5.23 8.83 -5.58
C ASP A 62 -6.03 10.03 -6.06
N GLU A 63 -6.14 10.17 -7.38
CA GLU A 63 -6.66 11.40 -8.00
C GLU A 63 -8.12 11.33 -8.42
N CYS A 64 -8.64 10.11 -8.64
CA CYS A 64 -10.03 9.96 -9.07
C CYS A 64 -10.65 8.67 -8.53
N SER A 65 -11.93 8.48 -8.86
CA SER A 65 -12.68 7.32 -8.35
C SER A 65 -12.33 6.00 -9.03
N SER A 66 -11.51 6.03 -10.10
CA SER A 66 -11.18 4.84 -10.87
C SER A 66 -10.18 3.95 -10.11
N ALA A 67 -10.20 2.66 -10.44
CA ALA A 67 -9.26 1.68 -9.92
C ALA A 67 -7.82 2.04 -10.31
N ALA A 68 -6.87 1.76 -9.43
CA ALA A 68 -5.47 2.04 -9.77
C ALA A 68 -4.87 0.92 -10.61
N VAL A 69 -3.99 1.30 -11.54
CA VAL A 69 -3.25 0.34 -12.37
C VAL A 69 -1.74 0.53 -12.31
N SER A 70 -1.29 1.63 -11.71
CA SER A 70 0.12 1.94 -11.57
C SER A 70 0.40 2.31 -10.13
N PHE A 71 1.45 1.71 -9.56
CA PHE A 71 1.60 1.64 -8.11
C PHE A 71 2.89 2.22 -7.56
N CYS A 72 2.78 3.06 -6.53
CA CYS A 72 3.96 3.39 -5.73
C CYS A 72 4.37 2.09 -5.03
N GLU A 73 5.67 1.80 -5.06
CA GLU A 73 6.17 0.58 -4.43
C GLU A 73 6.58 0.76 -2.96
N PHE A 74 6.39 1.97 -2.45
CA PHE A 74 6.86 2.36 -1.13
C PHE A 74 5.76 2.85 -0.18
N CYS A 75 4.56 3.07 -0.72
CA CYS A 75 3.41 3.45 0.09
C CYS A 75 2.16 3.19 -0.74
N PRO A 76 0.96 3.31 -0.13
CA PRO A 76 -0.28 2.99 -0.86
C PRO A 76 -0.70 3.93 -2.00
N HIS A 77 0.04 5.01 -2.25
CA HIS A 77 -0.31 5.88 -3.39
C HIS A 77 -0.25 5.09 -4.66
N SER A 78 -1.24 5.33 -5.53
CA SER A 78 -1.34 4.62 -6.81
C SER A 78 -2.32 5.38 -7.69
N PHE A 79 -2.37 5.01 -8.96
CA PHE A 79 -2.94 5.85 -10.00
C PHE A 79 -3.56 5.03 -11.13
N CYS A 80 -4.66 5.53 -11.66
CA CYS A 80 -5.28 4.96 -12.86
C CYS A 80 -4.50 5.38 -14.11
N LYS A 81 -4.94 4.88 -15.27
CA LYS A 81 -4.28 5.16 -16.54
C LYS A 81 -4.20 6.66 -16.85
N ASP A 82 -5.25 7.40 -16.50
CA ASP A 82 -5.31 8.84 -16.75
C ASP A 82 -4.42 9.67 -15.82
N HIS A 83 -4.04 9.10 -14.68
CA HIS A 83 -3.25 9.82 -13.68
C HIS A 83 -1.84 9.34 -13.44
N GLU A 84 -1.43 8.31 -14.17
CA GLU A 84 -0.11 7.74 -13.98
C GLU A 84 1.04 8.61 -14.47
N LYS A 85 0.86 9.28 -15.61
CA LYS A 85 1.96 10.04 -16.22
C LYS A 85 2.44 11.14 -15.27
N GLY A 86 3.73 11.10 -14.97
CA GLY A 86 4.36 12.05 -14.07
C GLY A 86 4.10 11.87 -12.58
N ALA A 87 3.30 10.86 -12.23
CA ALA A 87 2.94 10.61 -10.82
C ALA A 87 3.88 9.61 -10.16
N LEU A 88 4.67 8.92 -10.98
CA LEU A 88 5.58 7.89 -10.51
C LEU A 88 6.87 8.00 -11.28
N VAL A 89 7.98 7.76 -10.60
CA VAL A 89 9.28 7.75 -11.26
C VAL A 89 10.05 6.52 -10.81
N PRO A 90 10.93 5.99 -11.68
CA PRO A 90 11.79 4.88 -11.26
C PRO A 90 12.79 5.37 -10.19
N SER A 91 12.87 4.65 -9.09
CA SER A 91 13.76 5.01 -7.99
C SER A 91 15.12 4.33 -8.15
N ALA A 92 16.08 4.75 -7.32
CA ALA A 92 17.41 4.16 -7.30
C ALA A 92 17.40 2.71 -6.80
N LEU A 93 16.28 2.28 -6.23
N LEU A 93 16.29 2.28 -6.21
CA LEU A 93 16.17 0.92 -5.70
CA LEU A 93 16.17 0.92 -5.70
C LEU A 93 15.61 -0.02 -6.77
C LEU A 93 15.61 0.00 -6.78
N GLU A 94 16.50 -0.49 -7.64
CA GLU A 94 16.14 -1.41 -8.73
C GLU A 94 15.07 -0.88 -9.67
N GLY A 95 14.93 0.45 -9.77
CA GLY A 95 13.89 1.08 -10.59
C GLY A 95 12.47 0.91 -10.07
N ARG A 96 12.31 0.48 -8.82
CA ARG A 96 10.98 0.40 -8.22
C ARG A 96 10.36 1.79 -8.28
N LEU A 97 9.10 1.85 -8.70
CA LEU A 97 8.45 3.16 -8.90
C LEU A 97 8.11 3.80 -7.55
N CYS A 98 8.29 5.11 -7.46
CA CYS A 98 7.90 5.81 -6.23
C CYS A 98 7.10 7.05 -6.57
N CYS A 99 6.13 7.37 -5.71
CA CYS A 99 5.35 8.59 -5.84
C CYS A 99 6.18 9.78 -5.33
N SER A 100 5.55 10.96 -5.35
CA SER A 100 6.22 12.21 -5.02
C SER A 100 6.65 12.30 -3.56
N GLU A 101 6.18 11.36 -2.73
CA GLU A 101 6.46 11.43 -1.29
C GLU A 101 7.75 10.73 -0.85
N HIS A 102 8.56 10.32 -1.81
CA HIS A 102 9.85 9.65 -1.52
C HIS A 102 10.94 10.27 -2.33
N ASP A 103 12.11 10.38 -1.73
CA ASP A 103 13.32 10.76 -2.44
C ASP A 103 13.66 9.62 -3.41
N PRO A 104 13.59 9.87 -4.75
CA PRO A 104 13.91 8.79 -5.69
C PRO A 104 15.31 8.21 -5.51
N MET A 105 16.21 8.97 -4.89
CA MET A 105 17.56 8.50 -4.65
C MET A 105 17.70 7.64 -3.40
N ALA A 106 16.69 7.72 -2.53
CA ALA A 106 16.69 7.00 -1.25
C ALA A 106 15.25 6.83 -0.78
N PRO A 107 14.48 5.99 -1.49
CA PRO A 107 13.05 5.81 -1.21
C PRO A 107 12.84 4.93 0.02
N ALA B 1 -12.36 -9.08 6.60
CA ALA B 1 -10.88 -9.16 6.33
C ALA B 1 -10.16 -9.85 7.49
N ARG B 2 -9.08 -10.56 7.18
CA ARG B 2 -8.31 -11.30 8.19
C ARG B 2 -7.23 -10.42 8.81
N THR B 3 -6.93 -10.66 10.09
CA THR B 3 -5.86 -9.94 10.75
C THR B 3 -4.81 -10.90 11.28
N LYS B 4 -3.64 -10.37 11.59
CA LYS B 4 -2.57 -11.12 12.26
C LYS B 4 -1.83 -10.15 13.20
N GLN B 5 -1.00 -10.69 14.09
CA GLN B 5 -0.24 -9.88 15.00
C GLN B 5 1.24 -10.18 14.80
N THR B 6 2.00 -9.15 14.46
CA THR B 6 3.43 -9.28 14.21
C THR B 6 4.20 -8.37 15.17
N ALA B 7 5.51 -8.61 15.25
CA ALA B 7 6.39 -7.86 16.14
C ALA B 7 6.53 -6.42 15.70
N ARG B 8 6.48 -5.49 16.65
CA ARG B 8 6.50 -4.05 16.37
C ARG B 8 7.89 -3.42 16.58
N LYS B 9 8.59 -3.16 15.48
CA LYS B 9 9.92 -2.50 15.46
C LYS B 9 10.03 -1.38 16.48
ZN ZN C . 0.78 1.51 10.11
ZN ZN D . -4.19 -4.76 -1.74
ZN ZN E . 4.56 6.47 -2.25
ZN ZN F . -7.30 8.46 -11.59
#